data_4EB9
#
_entry.id   4EB9
#
_cell.length_a   79.110
_cell.length_b   81.310
_cell.length_c   96.880
_cell.angle_alpha   90.00
_cell.angle_beta   95.67
_cell.angle_gamma   90.00
#
_symmetry.space_group_name_H-M   'C 1 2 1'
#
loop_
_entity.id
_entity.type
_entity.pdbx_description
1 polymer 'Baculoviral IAP repeat-containing protein 2'
2 non-polymer 'ZINC ION'
3 non-polymer "(3S,6S,7S,9aS,3'S,6'S,7'S,9a'S)-N,N'-(benzene-1,4-diylbis{butane-4,1-diyl-1H-1,2,3-triazole-1,4-diyl[(S)-phenylmethanediyl]})bis[7-(hydroxymethyl)-6-{[(2S)-2-(methylamino)butanoyl]amino}-5-oxooctahydro-1H-pyrrolo[1,2-a]azepine-3-carboxamide]"
4 water water
#
_entity_poly.entity_id   1
_entity_poly.type   'polypeptide(L)'
_entity_poly.pdbx_seq_one_letter_code
;MENSLETLRFSISNLSMQTHAARMRTFMYWPSSVPVQPEQLASAGFYYVGRNDDVKCFCCDGGLRCWESGDDPWVEHAKW
FPRCEFLIRMKGQEFVDEIQGRYPHLLEQLLSTSLEHHHHHH
;
_entity_poly.pdbx_strand_id   A,B,C,D
#
# COMPACT_ATOMS: atom_id res chain seq x y z
N SER A 11 -27.62 3.87 3.70
CA SER A 11 -27.39 2.40 3.61
C SER A 11 -25.98 2.01 4.07
N ILE A 12 -25.83 0.75 4.49
CA ILE A 12 -24.65 0.28 5.22
C ILE A 12 -23.63 -0.44 4.30
N SER A 13 -22.35 -0.25 4.56
CA SER A 13 -21.27 -0.89 3.79
C SER A 13 -20.92 -2.31 4.24
N ASN A 14 -20.91 -2.55 5.55
CA ASN A 14 -20.69 -3.89 6.09
C ASN A 14 -21.74 -4.25 7.14
N LEU A 15 -22.73 -5.03 6.71
CA LEU A 15 -23.88 -5.40 7.51
C LEU A 15 -23.52 -6.37 8.62
N SER A 16 -22.47 -7.16 8.40
CA SER A 16 -22.04 -8.17 9.37
C SER A 16 -21.39 -7.53 10.61
N MET A 17 -21.08 -6.24 10.53
CA MET A 17 -20.42 -5.53 11.62
C MET A 17 -21.29 -4.39 12.18
N GLN A 18 -22.60 -4.56 12.10
CA GLN A 18 -23.55 -3.54 12.58
C GLN A 18 -23.77 -3.55 14.10
N THR A 19 -23.48 -4.67 14.74
CA THR A 19 -23.64 -4.81 16.20
C THR A 19 -22.32 -4.63 16.93
N HIS A 20 -22.34 -3.86 18.02
CA HIS A 20 -21.15 -3.66 18.84
C HIS A 20 -20.44 -4.98 19.07
N ALA A 21 -21.20 -5.97 19.49
CA ALA A 21 -20.68 -7.28 19.84
C ALA A 21 -19.80 -7.85 18.72
N ALA A 22 -20.28 -7.73 17.48
CA ALA A 22 -19.58 -8.26 16.31
C ALA A 22 -18.24 -7.55 16.01
N ARG A 23 -18.26 -6.22 15.99
CA ARG A 23 -17.06 -5.41 15.69
C ARG A 23 -16.05 -5.66 16.78
N MET A 24 -16.54 -5.66 18.01
CA MET A 24 -15.75 -5.94 19.19
C MET A 24 -15.18 -7.39 19.18
N ARG A 25 -15.79 -8.29 18.40
CA ARG A 25 -15.37 -9.68 18.34
CA ARG A 25 -15.37 -9.69 18.31
C ARG A 25 -14.06 -9.84 17.55
N THR A 26 -13.84 -8.93 16.60
CA THR A 26 -12.68 -8.94 15.70
C THR A 26 -11.39 -8.48 16.35
N PHE A 27 -11.49 -7.81 17.49
CA PHE A 27 -10.30 -7.28 18.14
C PHE A 27 -9.59 -8.31 19.01
N MET A 28 -9.82 -9.59 18.73
CA MET A 28 -9.25 -10.68 19.53
C MET A 28 -7.71 -10.63 19.58
N TYR A 29 -7.07 -10.40 18.43
CA TYR A 29 -5.61 -10.33 18.37
C TYR A 29 -5.07 -8.97 17.92
N TRP A 30 -5.82 -7.93 18.27
CA TRP A 30 -5.41 -6.53 18.21
C TRP A 30 -4.12 -6.33 19.03
N PRO A 31 -3.04 -5.85 18.39
CA PRO A 31 -1.75 -5.72 19.07
C PRO A 31 -1.78 -4.93 20.39
N SER A 32 -1.06 -5.44 21.38
CA SER A 32 -0.96 -4.83 22.71
C SER A 32 -0.26 -3.47 22.70
N SER A 33 0.64 -3.25 21.73
CA SER A 33 1.42 -2.01 21.68
C SER A 33 0.62 -0.81 21.17
N VAL A 34 -0.55 -1.07 20.57
CA VAL A 34 -1.42 0.00 20.08
C VAL A 34 -2.10 0.70 21.26
N PRO A 35 -1.86 2.03 21.41
CA PRO A 35 -2.30 2.81 22.56
C PRO A 35 -3.82 2.89 22.71
N VAL A 36 -4.54 3.07 21.61
CA VAL A 36 -6.01 3.10 21.62
C VAL A 36 -6.55 1.70 21.87
N GLN A 37 -7.65 1.62 22.62
CA GLN A 37 -8.26 0.36 23.03
C GLN A 37 -9.40 -0.07 22.10
N PRO A 38 -9.62 -1.39 21.94
CA PRO A 38 -10.69 -1.92 21.07
C PRO A 38 -12.09 -1.42 21.40
N GLU A 39 -12.32 -1.06 22.66
CA GLU A 39 -13.67 -0.69 23.10
C GLU A 39 -14.04 0.72 22.65
N GLN A 40 -13.08 1.63 22.63
CA GLN A 40 -13.33 2.96 22.05
C GLN A 40 -13.60 2.84 20.57
N LEU A 41 -12.78 2.02 19.91
CA LEU A 41 -12.85 1.76 18.48
C LEU A 41 -14.20 1.18 18.06
N ALA A 42 -14.62 0.11 18.72
CA ALA A 42 -15.91 -0.52 18.43
C ALA A 42 -17.10 0.44 18.68
N SER A 43 -16.96 1.30 19.68
CA SER A 43 -17.97 2.32 19.98
C SER A 43 -18.16 3.29 18.82
N ALA A 44 -17.05 3.57 18.11
CA ALA A 44 -17.05 4.51 17.00
C ALA A 44 -17.39 3.87 15.66
N GLY A 45 -17.66 2.57 15.69
CA GLY A 45 -18.14 1.86 14.51
C GLY A 45 -17.01 1.12 13.83
N PHE A 46 -15.80 1.25 14.36
CA PHE A 46 -14.61 0.65 13.75
C PHE A 46 -14.40 -0.82 14.15
N TYR A 47 -14.11 -1.65 13.15
CA TYR A 47 -13.74 -3.06 13.35
C TYR A 47 -12.37 -3.36 12.74
N TYR A 48 -11.63 -4.26 13.36
CA TYR A 48 -10.26 -4.59 12.96
C TYR A 48 -10.27 -5.42 11.68
N VAL A 49 -9.62 -4.93 10.64
CA VAL A 49 -9.59 -5.66 9.37
C VAL A 49 -8.56 -6.79 9.31
N GLY A 50 -7.80 -6.97 10.38
CA GLY A 50 -6.90 -8.11 10.47
C GLY A 50 -5.47 -7.96 9.96
N ARG A 51 -5.12 -6.75 9.56
CA ARG A 51 -3.77 -6.44 9.12
C ARG A 51 -3.27 -5.24 9.91
N ASN A 52 -2.04 -5.33 10.41
CA ASN A 52 -1.47 -4.24 11.20
C ASN A 52 -2.49 -3.70 12.19
N ASP A 53 -2.66 -2.39 12.21
CA ASP A 53 -3.66 -1.77 13.07
C ASP A 53 -4.76 -1.05 12.28
N ASP A 54 -4.94 -1.48 11.03
CA ASP A 54 -5.97 -0.98 10.14
C ASP A 54 -7.34 -1.30 10.69
N VAL A 55 -8.22 -0.29 10.69
CA VAL A 55 -9.63 -0.45 11.06
C VAL A 55 -10.53 0.13 9.97
N LYS A 56 -11.78 -0.33 9.92
CA LYS A 56 -12.76 0.18 8.97
C LYS A 56 -14.09 0.44 9.69
N CYS A 57 -14.81 1.48 9.29
CA CYS A 57 -16.13 1.76 9.88
C CYS A 57 -17.19 0.96 9.14
N PHE A 58 -18.03 0.26 9.89
CA PHE A 58 -19.07 -0.60 9.32
C PHE A 58 -20.04 0.13 8.41
N CYS A 59 -20.10 1.45 8.54
CA CYS A 59 -21.06 2.27 7.80
C CYS A 59 -20.47 2.90 6.54
N CYS A 60 -19.45 3.73 6.71
CA CYS A 60 -18.90 4.49 5.58
C CYS A 60 -17.75 3.79 4.87
N ASP A 61 -17.37 2.61 5.36
CA ASP A 61 -16.20 1.83 4.87
C ASP A 61 -14.89 2.64 4.87
N GLY A 62 -14.84 3.63 5.77
CA GLY A 62 -13.67 4.47 5.91
C GLY A 62 -12.63 3.86 6.82
N GLY A 63 -11.40 3.78 6.33
CA GLY A 63 -10.32 3.14 7.05
C GLY A 63 -9.42 4.10 7.80
N LEU A 64 -8.91 3.64 8.94
CA LEU A 64 -8.00 4.42 9.76
C LEU A 64 -6.82 3.57 10.27
N ARG A 65 -5.64 4.18 10.41
CA ARG A 65 -4.45 3.47 10.86
C ARG A 65 -3.43 4.35 11.57
N CYS A 66 -2.35 3.74 12.04
CA CYS A 66 -1.28 4.43 12.77
C CYS A 66 -1.77 5.12 14.03
N TRP A 67 -2.57 4.40 14.81
CA TRP A 67 -3.12 4.91 16.06
C TRP A 67 -2.01 5.24 17.06
N GLU A 68 -2.07 6.45 17.61
CA GLU A 68 -1.11 6.92 18.59
C GLU A 68 -1.82 7.28 19.90
N SER A 69 -1.04 7.44 20.97
CA SER A 69 -1.56 7.87 22.27
C SER A 69 -2.36 9.16 22.15
N GLY A 70 -3.53 9.17 22.76
CA GLY A 70 -4.40 10.34 22.76
C GLY A 70 -5.42 10.40 21.62
N ASP A 71 -5.19 9.62 20.56
CA ASP A 71 -6.08 9.64 19.42
C ASP A 71 -7.51 9.27 19.82
N ASP A 72 -8.48 9.97 19.26
CA ASP A 72 -9.89 9.78 19.60
C ASP A 72 -10.64 9.24 18.40
N PRO A 73 -11.07 7.97 18.47
CA PRO A 73 -11.80 7.34 17.38
C PRO A 73 -12.97 8.17 16.81
N TRP A 74 -13.73 8.86 17.66
CA TRP A 74 -14.85 9.69 17.19
C TRP A 74 -14.36 10.95 16.47
N VAL A 75 -13.43 11.67 17.07
CA VAL A 75 -12.81 12.85 16.46
C VAL A 75 -12.14 12.53 15.13
N GLU A 76 -11.46 11.40 15.03
CA GLU A 76 -10.82 10.99 13.77
C GLU A 76 -11.86 10.61 12.72
N HIS A 77 -12.91 9.92 13.15
CA HIS A 77 -14.02 9.55 12.29
C HIS A 77 -14.62 10.80 11.65
N ALA A 78 -14.78 11.86 12.45
CA ALA A 78 -15.30 13.15 11.98
C ALA A 78 -14.26 13.96 11.21
N LYS A 79 -12.98 13.74 11.52
CA LYS A 79 -11.91 14.43 10.80
C LYS A 79 -11.84 13.94 9.34
N TRP A 80 -11.91 12.62 9.14
CA TRP A 80 -11.66 12.04 7.83
C TRP A 80 -12.89 11.60 7.03
N PHE A 81 -13.99 11.27 7.69
CA PHE A 81 -15.23 10.88 6.99
C PHE A 81 -16.47 11.55 7.56
N PRO A 82 -16.59 12.90 7.39
CA PRO A 82 -17.63 13.74 8.02
C PRO A 82 -19.09 13.47 7.62
N ARG A 83 -19.31 12.88 6.45
CA ARG A 83 -20.67 12.64 5.96
C ARG A 83 -21.17 11.21 6.20
N CYS A 84 -20.53 10.49 7.12
CA CYS A 84 -20.98 9.15 7.50
C CYS A 84 -22.29 9.25 8.28
N GLU A 85 -23.33 8.60 7.77
CA GLU A 85 -24.64 8.60 8.39
C GLU A 85 -24.61 8.18 9.87
N PHE A 86 -23.90 7.11 10.17
CA PHE A 86 -23.77 6.59 11.53
C PHE A 86 -23.14 7.60 12.51
N LEU A 87 -22.04 8.22 12.11
CA LEU A 87 -21.36 9.26 12.90
C LEU A 87 -22.28 10.44 13.24
N ILE A 88 -22.91 11.01 12.22
CA ILE A 88 -23.86 12.11 12.41
C ILE A 88 -24.92 11.69 13.42
N ARG A 89 -25.57 10.56 13.18
CA ARG A 89 -26.68 10.09 14.01
C ARG A 89 -26.29 9.86 15.48
N MET A 90 -25.04 9.52 15.73
CA MET A 90 -24.58 9.22 17.09
C MET A 90 -23.97 10.43 17.79
N LYS A 91 -23.20 11.24 17.06
CA LYS A 91 -22.50 12.39 17.65
C LYS A 91 -23.14 13.73 17.33
N GLY A 92 -23.88 13.78 16.23
CA GLY A 92 -24.58 15.01 15.82
C GLY A 92 -23.79 15.89 14.86
N GLN A 93 -24.51 16.72 14.11
CA GLN A 93 -23.95 17.56 13.06
C GLN A 93 -23.06 18.66 13.64
N GLU A 94 -23.42 19.15 14.82
CA GLU A 94 -22.61 20.17 15.51
C GLU A 94 -21.20 19.66 15.74
N PHE A 95 -21.08 18.44 16.27
CA PHE A 95 -19.79 17.82 16.54
C PHE A 95 -18.95 17.73 15.27
N VAL A 96 -19.56 17.20 14.21
CA VAL A 96 -18.87 17.02 12.94
C VAL A 96 -18.42 18.38 12.37
N ASP A 97 -19.31 19.37 12.44
CA ASP A 97 -18.99 20.72 12.00
C ASP A 97 -17.81 21.32 12.73
N GLU A 98 -17.75 21.08 14.05
CA GLU A 98 -16.67 21.59 14.90
C GLU A 98 -15.31 21.00 14.52
N ILE A 99 -15.25 19.68 14.35
CA ILE A 99 -14.01 19.00 13.99
C ILE A 99 -13.56 19.42 12.59
N GLN A 100 -14.49 19.35 11.62
CA GLN A 100 -14.23 19.88 10.29
C GLN A 100 -13.81 21.35 10.31
N GLY A 101 -14.24 22.07 11.35
CA GLY A 101 -13.82 23.45 11.59
C GLY A 101 -12.34 23.58 11.95
N ARG A 102 -11.81 22.60 12.68
CA ARG A 102 -10.41 22.59 13.11
C ARG A 102 -9.44 22.28 11.98
N TYR A 103 -9.89 21.51 11.00
CA TYR A 103 -9.02 21.04 9.95
C TYR A 103 -9.60 21.39 8.58
N PRO A 104 -9.41 22.66 8.15
CA PRO A 104 -9.98 23.08 6.85
C PRO A 104 -9.10 22.75 5.64
N HIS A 105 -7.84 22.39 5.89
CA HIS A 105 -6.88 22.19 4.80
C HIS A 105 -6.30 20.77 4.79
N LEU A 106 -7.18 19.82 5.07
CA LEU A 106 -6.83 18.42 5.21
C LEU A 106 -6.31 17.83 3.90
N LEU A 107 -7.12 17.95 2.84
CA LEU A 107 -6.74 17.53 1.49
C LEU A 107 -5.44 18.19 1.03
N GLU A 108 -5.34 19.51 1.24
CA GLU A 108 -4.14 20.28 0.90
C GLU A 108 -2.90 19.73 1.59
N GLN A 109 -3.05 19.41 2.88
CA GLN A 109 -1.96 18.86 3.67
C GLN A 109 -1.56 17.46 3.23
N LEU A 110 -2.54 16.67 2.78
CA LEU A 110 -2.24 15.37 2.19
C LEU A 110 -1.40 15.52 0.92
N LEU A 111 -1.71 16.53 0.11
CA LEU A 111 -1.09 16.68 -1.20
C LEU A 111 0.29 17.38 -1.20
N SER A 112 0.95 17.39 -0.04
CA SER A 112 2.27 18.03 0.11
C SER A 112 3.40 17.20 -0.50
N SER B 11 9.53 -24.41 19.94
CA SER B 11 8.92 -23.18 20.54
C SER B 11 7.54 -22.91 19.94
N ILE B 12 6.54 -22.83 20.81
CA ILE B 12 5.14 -22.75 20.40
C ILE B 12 4.61 -21.32 20.52
N SER B 13 3.99 -20.81 19.46
CA SER B 13 3.47 -19.44 19.41
C SER B 13 2.36 -19.17 20.40
N ASN B 14 1.34 -20.02 20.39
CA ASN B 14 0.16 -19.85 21.23
C ASN B 14 -0.09 -21.13 22.01
N LEU B 15 0.32 -21.14 23.28
CA LEU B 15 0.19 -22.33 24.13
C LEU B 15 -1.22 -22.60 24.65
N SER B 16 -2.15 -21.69 24.36
CA SER B 16 -3.55 -21.84 24.78
C SER B 16 -4.41 -22.40 23.66
N MET B 17 -3.79 -22.67 22.52
CA MET B 17 -4.48 -23.30 21.40
C MET B 17 -3.79 -24.63 21.04
N GLN B 18 -3.01 -25.14 22.00
CA GLN B 18 -2.35 -26.44 21.91
C GLN B 18 -3.28 -27.58 21.55
N THR B 19 -4.50 -27.52 22.08
CA THR B 19 -5.44 -28.63 22.02
C THR B 19 -6.48 -28.46 20.93
N HIS B 20 -6.93 -29.59 20.39
CA HIS B 20 -8.00 -29.61 19.39
C HIS B 20 -9.22 -28.86 19.89
N ALA B 21 -9.72 -29.25 21.06
CA ALA B 21 -10.90 -28.66 21.68
C ALA B 21 -10.82 -27.13 21.75
N ALA B 22 -9.71 -26.61 22.27
CA ALA B 22 -9.49 -25.17 22.36
C ALA B 22 -9.58 -24.49 20.98
N ARG B 23 -8.90 -25.04 19.98
CA ARG B 23 -8.96 -24.52 18.61
C ARG B 23 -10.38 -24.59 18.05
N MET B 24 -11.05 -25.73 18.23
CA MET B 24 -12.44 -25.91 17.79
C MET B 24 -13.44 -24.91 18.39
N ARG B 25 -13.15 -24.43 19.60
CA ARG B 25 -14.05 -23.52 20.29
C ARG B 25 -14.17 -22.13 19.64
N THR B 26 -13.10 -21.68 18.98
CA THR B 26 -13.05 -20.37 18.32
C THR B 26 -13.91 -20.30 17.07
N PHE B 27 -14.24 -21.47 16.52
CA PHE B 27 -15.03 -21.51 15.29
C PHE B 27 -16.53 -21.32 15.53
N MET B 28 -16.90 -20.81 16.71
CA MET B 28 -18.30 -20.61 17.05
CA MET B 28 -18.29 -20.58 17.07
C MET B 28 -18.98 -19.64 16.08
N TYR B 29 -18.30 -18.55 15.74
CA TYR B 29 -18.81 -17.56 14.78
C TYR B 29 -18.08 -17.62 13.45
N TRP B 30 -17.51 -18.79 13.14
CA TRP B 30 -16.94 -19.06 11.82
C TRP B 30 -18.01 -18.83 10.77
N PRO B 31 -17.75 -17.91 9.81
CA PRO B 31 -18.74 -17.63 8.76
C PRO B 31 -19.16 -18.91 8.03
N SER B 32 -20.46 -19.09 7.85
CA SER B 32 -21.01 -20.33 7.31
C SER B 32 -20.96 -20.45 5.79
N SER B 33 -20.58 -19.38 5.10
CA SER B 33 -20.45 -19.41 3.64
C SER B 33 -19.10 -20.00 3.21
N VAL B 34 -18.15 -20.06 4.15
CA VAL B 34 -16.81 -20.60 3.91
C VAL B 34 -16.88 -22.11 3.66
N PRO B 35 -16.30 -22.59 2.53
CA PRO B 35 -16.42 -23.99 2.14
C PRO B 35 -15.71 -24.97 3.09
N VAL B 36 -14.51 -24.62 3.55
CA VAL B 36 -13.73 -25.46 4.46
C VAL B 36 -14.43 -25.53 5.82
N GLN B 37 -14.28 -26.66 6.52
CA GLN B 37 -14.92 -26.86 7.83
C GLN B 37 -13.97 -26.63 9.00
N PRO B 38 -14.52 -26.21 10.16
CA PRO B 38 -13.72 -25.99 11.37
C PRO B 38 -12.89 -27.20 11.81
N GLU B 39 -13.45 -28.41 11.72
CA GLU B 39 -12.76 -29.62 12.15
C GLU B 39 -11.51 -29.88 11.31
N GLN B 40 -11.64 -29.71 10.01
CA GLN B 40 -10.53 -29.84 9.07
C GLN B 40 -9.41 -28.84 9.35
N LEU B 41 -9.80 -27.64 9.79
CA LEU B 41 -8.84 -26.60 10.13
C LEU B 41 -8.17 -26.83 11.48
N ALA B 42 -8.95 -27.26 12.47
CA ALA B 42 -8.44 -27.51 13.82
C ALA B 42 -7.42 -28.63 13.83
N SER B 43 -7.69 -29.67 13.04
CA SER B 43 -6.78 -30.80 12.83
C SER B 43 -5.43 -30.38 12.28
N ALA B 44 -5.45 -29.35 11.44
CA ALA B 44 -4.25 -28.81 10.81
C ALA B 44 -3.53 -27.75 11.66
N GLY B 45 -4.03 -27.56 12.88
CA GLY B 45 -3.42 -26.67 13.86
C GLY B 45 -3.99 -25.27 13.85
N PHE B 46 -4.98 -25.04 13.00
CA PHE B 46 -5.52 -23.71 12.80
C PHE B 46 -6.68 -23.36 13.73
N TYR B 47 -6.70 -22.09 14.15
CA TYR B 47 -7.73 -21.51 14.99
C TYR B 47 -8.18 -20.21 14.35
N TYR B 48 -9.42 -19.80 14.65
CA TYR B 48 -9.98 -18.63 14.03
C TYR B 48 -9.62 -17.45 14.85
N VAL B 49 -9.23 -16.38 14.18
CA VAL B 49 -8.79 -15.19 14.86
C VAL B 49 -9.84 -14.12 14.94
N GLY B 50 -11.03 -14.42 14.49
CA GLY B 50 -12.17 -13.62 14.81
C GLY B 50 -12.59 -12.54 13.87
N ARG B 51 -11.87 -12.48 12.75
CA ARG B 51 -12.09 -11.45 11.74
C ARG B 51 -11.88 -12.07 10.36
N ASN B 52 -12.92 -11.97 9.54
CA ASN B 52 -12.94 -12.59 8.23
C ASN B 52 -12.93 -14.10 8.36
N ASP B 53 -12.06 -14.74 7.60
CA ASP B 53 -11.85 -16.18 7.69
C ASP B 53 -10.37 -16.45 8.00
N ASP B 54 -9.79 -15.49 8.70
CA ASP B 54 -8.37 -15.49 9.04
C ASP B 54 -8.07 -16.53 10.09
N VAL B 55 -7.14 -17.43 9.78
CA VAL B 55 -6.71 -18.46 10.73
C VAL B 55 -5.20 -18.44 10.93
N LYS B 56 -4.73 -19.18 11.93
CA LYS B 56 -3.29 -19.25 12.23
C LYS B 56 -2.87 -20.61 12.84
N CYS B 57 -1.63 -21.01 12.56
CA CYS B 57 -1.07 -22.24 13.10
C CYS B 57 -0.72 -22.02 14.57
N PHE B 58 -1.35 -22.79 15.45
CA PHE B 58 -1.19 -22.62 16.87
C PHE B 58 0.26 -22.64 17.23
N CYS B 59 1.05 -23.09 16.28
CA CYS B 59 2.46 -23.40 16.50
C CYS B 59 3.42 -22.45 15.80
N CYS B 60 3.21 -22.23 14.51
CA CYS B 60 4.13 -21.41 13.72
C CYS B 60 3.65 -19.96 13.58
N ASP B 61 2.44 -19.69 14.06
CA ASP B 61 1.82 -18.37 13.94
C ASP B 61 1.59 -17.94 12.49
N GLY B 62 1.76 -18.88 11.55
CA GLY B 62 1.43 -18.66 10.15
C GLY B 62 -0.06 -18.44 9.93
N GLY B 63 -0.40 -17.39 9.20
CA GLY B 63 -1.80 -17.05 8.95
C GLY B 63 -2.24 -17.35 7.52
N LEU B 64 -3.46 -17.87 7.38
CA LEU B 64 -4.03 -18.12 6.05
C LEU B 64 -5.40 -17.46 5.95
N ARG B 65 -5.81 -17.11 4.74
CA ARG B 65 -7.14 -16.51 4.50
C ARG B 65 -7.62 -16.81 3.09
N CYS B 66 -8.86 -16.40 2.79
CA CYS B 66 -9.50 -16.60 1.47
C CYS B 66 -9.68 -18.07 1.08
N TRP B 67 -10.18 -18.86 2.02
CA TRP B 67 -10.46 -20.28 1.78
C TRP B 67 -11.49 -20.48 0.68
N GLU B 68 -11.20 -21.41 -0.22
CA GLU B 68 -12.06 -21.69 -1.37
C GLU B 68 -12.40 -23.18 -1.45
N SER B 69 -13.43 -23.52 -2.20
CA SER B 69 -13.85 -24.91 -2.39
C SER B 69 -12.69 -25.79 -2.87
N GLY B 70 -12.47 -26.90 -2.17
CA GLY B 70 -11.39 -27.81 -2.50
C GLY B 70 -10.08 -27.57 -1.75
N ASP B 71 -9.95 -26.45 -1.06
CA ASP B 71 -8.70 -26.15 -0.35
C ASP B 71 -8.41 -27.13 0.79
N ASP B 72 -7.20 -27.68 0.81
CA ASP B 72 -6.78 -28.63 1.83
C ASP B 72 -5.91 -27.92 2.88
N PRO B 73 -6.42 -27.79 4.11
CA PRO B 73 -5.67 -27.17 5.21
C PRO B 73 -4.23 -27.66 5.36
N TRP B 74 -4.00 -28.97 5.22
CA TRP B 74 -2.65 -29.52 5.39
C TRP B 74 -1.68 -29.10 4.27
N VAL B 75 -2.14 -29.19 3.02
CA VAL B 75 -1.35 -28.78 1.85
C VAL B 75 -1.00 -27.30 1.91
N GLU B 76 -1.98 -26.48 2.29
CA GLU B 76 -1.73 -25.05 2.42
C GLU B 76 -0.72 -24.77 3.54
N HIS B 77 -0.82 -25.47 4.66
CA HIS B 77 0.15 -25.35 5.76
C HIS B 77 1.55 -25.60 5.23
N ALA B 78 1.68 -26.66 4.42
CA ALA B 78 2.96 -27.08 3.84
C ALA B 78 3.46 -26.12 2.77
N LYS B 79 2.55 -25.40 2.16
CA LYS B 79 2.87 -24.54 1.02
C LYS B 79 3.55 -23.27 1.48
N TRP B 80 3.03 -22.68 2.56
CA TRP B 80 3.43 -21.35 2.99
C TRP B 80 4.30 -21.37 4.24
N PHE B 81 4.11 -22.40 5.07
CA PHE B 81 4.89 -22.51 6.31
C PHE B 81 5.52 -23.89 6.49
N PRO B 82 6.39 -24.32 5.55
CA PRO B 82 7.01 -25.65 5.55
C PRO B 82 7.88 -26.02 6.76
N ARG B 83 8.53 -25.05 7.39
CA ARG B 83 9.36 -25.37 8.58
C ARG B 83 8.57 -25.42 9.92
N CYS B 84 7.24 -25.41 9.85
CA CYS B 84 6.41 -25.57 11.05
C CYS B 84 6.67 -26.92 11.71
N GLU B 85 7.11 -26.90 12.96
CA GLU B 85 7.52 -28.13 13.64
C GLU B 85 6.35 -29.10 13.82
N PHE B 86 5.18 -28.55 14.15
CA PHE B 86 3.94 -29.32 14.32
C PHE B 86 3.49 -29.96 13.00
N LEU B 87 3.58 -29.21 11.90
CA LEU B 87 3.28 -29.73 10.57
C LEU B 87 4.13 -30.96 10.24
N ILE B 88 5.44 -30.81 10.41
CA ILE B 88 6.39 -31.87 10.11
C ILE B 88 6.11 -33.08 11.00
N ARG B 89 5.97 -32.85 12.31
CA ARG B 89 5.68 -33.92 13.26
C ARG B 89 4.43 -34.74 12.88
N MET B 90 3.37 -34.07 12.44
CA MET B 90 2.10 -34.74 12.09
C MET B 90 2.07 -35.34 10.68
N LYS B 91 2.69 -34.67 9.70
CA LYS B 91 2.59 -35.08 8.30
C LYS B 91 3.87 -35.68 7.73
N GLY B 92 5.01 -35.39 8.34
CA GLY B 92 6.29 -35.91 7.86
C GLY B 92 6.95 -35.04 6.81
N GLN B 93 8.27 -35.11 6.76
CA GLN B 93 9.08 -34.30 5.86
C GLN B 93 8.80 -34.66 4.40
N GLU B 94 8.47 -35.93 4.16
CA GLU B 94 8.17 -36.40 2.81
C GLU B 94 6.96 -35.67 2.22
N PHE B 95 5.93 -35.47 3.04
CA PHE B 95 4.75 -34.74 2.61
C PHE B 95 5.06 -33.28 2.27
N VAL B 96 5.91 -32.64 3.09
CA VAL B 96 6.27 -31.23 2.89
C VAL B 96 7.25 -31.03 1.72
N ASP B 97 8.27 -31.87 1.62
CA ASP B 97 9.19 -31.82 0.48
C ASP B 97 8.41 -31.89 -0.82
N GLU B 98 7.33 -32.67 -0.82
CA GLU B 98 6.49 -32.88 -2.00
C GLU B 98 5.70 -31.63 -2.40
N ILE B 99 5.02 -31.03 -1.43
CA ILE B 99 4.23 -29.83 -1.70
C ILE B 99 5.16 -28.68 -2.09
N GLN B 100 6.27 -28.51 -1.38
CA GLN B 100 7.31 -27.55 -1.76
C GLN B 100 7.83 -27.82 -3.18
N GLY B 101 7.92 -29.10 -3.54
CA GLY B 101 8.23 -29.49 -4.91
C GLY B 101 7.28 -28.88 -5.93
N ARG B 102 5.99 -28.83 -5.61
CA ARG B 102 4.97 -28.30 -6.52
C ARG B 102 5.05 -26.78 -6.70
N TYR B 103 5.67 -26.09 -5.76
CA TYR B 103 5.75 -24.65 -5.81
C TYR B 103 7.18 -24.21 -5.56
N PRO B 104 8.01 -24.17 -6.62
CA PRO B 104 9.39 -23.72 -6.47
C PRO B 104 9.51 -22.21 -6.48
N HIS B 105 8.60 -21.55 -7.21
CA HIS B 105 8.62 -20.10 -7.36
C HIS B 105 7.38 -19.50 -6.73
N LEU B 106 7.35 -19.52 -5.41
CA LEU B 106 6.21 -19.08 -4.65
C LEU B 106 6.34 -17.60 -4.31
N LEU B 107 7.47 -17.23 -3.74
CA LEU B 107 7.78 -15.83 -3.44
C LEU B 107 7.95 -15.02 -4.72
N GLU B 108 8.52 -15.64 -5.75
CA GLU B 108 8.57 -15.06 -7.09
C GLU B 108 7.17 -14.75 -7.61
N GLN B 109 6.21 -15.63 -7.30
CA GLN B 109 4.79 -15.41 -7.62
CA GLN B 109 4.82 -15.36 -7.64
C GLN B 109 4.22 -14.25 -6.78
N LEU B 110 4.54 -14.24 -5.49
CA LEU B 110 4.06 -13.21 -4.56
C LEU B 110 4.38 -11.78 -5.05
N LEU B 111 5.62 -11.56 -5.48
CA LEU B 111 6.12 -10.20 -5.73
C LEU B 111 5.57 -9.57 -7.01
N ILE C 12 7.32 30.70 -3.74
CA ILE C 12 7.83 30.10 -5.01
C ILE C 12 8.73 28.91 -4.72
N SER C 13 8.30 27.73 -5.17
CA SER C 13 9.00 26.47 -4.86
C SER C 13 10.22 26.19 -5.72
N ASN C 14 10.14 26.56 -6.99
CA ASN C 14 11.23 26.31 -7.94
C ASN C 14 11.58 27.54 -8.76
N LEU C 15 12.53 28.33 -8.24
CA LEU C 15 12.92 29.61 -8.82
C LEU C 15 13.40 29.52 -10.28
N SER C 16 14.03 28.40 -10.62
CA SER C 16 14.63 28.22 -11.95
C SER C 16 13.63 27.76 -13.03
N MET C 17 12.38 27.58 -12.65
CA MET C 17 11.31 27.26 -13.61
C MET C 17 10.32 28.42 -13.74
N GLN C 18 10.75 29.57 -13.24
CA GLN C 18 9.99 30.83 -13.26
C GLN C 18 9.49 31.20 -14.65
N THR C 19 10.40 31.15 -15.63
CA THR C 19 10.08 31.58 -16.99
C THR C 19 9.43 30.47 -17.83
N HIS C 20 8.51 30.87 -18.71
CA HIS C 20 7.80 29.95 -19.60
C HIS C 20 8.76 29.16 -20.47
N ALA C 21 9.85 29.82 -20.88
CA ALA C 21 10.84 29.24 -21.76
C ALA C 21 11.63 28.12 -21.07
N ALA C 22 11.96 28.33 -19.79
CA ALA C 22 12.63 27.30 -18.99
C ALA C 22 11.73 26.09 -18.78
N ARG C 23 10.42 26.30 -18.70
CA ARG C 23 9.48 25.20 -18.47
C ARG C 23 9.32 24.28 -19.69
N MET C 24 9.17 24.86 -20.87
CA MET C 24 9.09 24.10 -22.12
C MET C 24 10.35 23.26 -22.39
N ARG C 25 11.48 23.69 -21.84
CA ARG C 25 12.75 22.99 -22.01
C ARG C 25 12.77 21.59 -21.38
N THR C 26 12.07 21.44 -20.26
CA THR C 26 11.99 20.17 -19.53
C THR C 26 11.13 19.13 -20.25
N PHE C 27 10.41 19.56 -21.28
CA PHE C 27 9.56 18.68 -22.07
C PHE C 27 10.27 18.13 -23.32
N MET C 28 11.61 18.08 -23.25
CA MET C 28 12.41 17.48 -24.32
C MET C 28 12.13 15.98 -24.46
N TYR C 29 12.06 15.28 -23.32
CA TYR C 29 11.83 13.83 -23.33
C TYR C 29 10.40 13.47 -22.88
N TRP C 30 9.48 14.38 -23.18
CA TRP C 30 8.05 14.20 -22.93
C TRP C 30 7.49 13.18 -23.91
N PRO C 31 6.70 12.19 -23.40
CA PRO C 31 6.15 11.15 -24.27
C PRO C 31 5.14 11.71 -25.26
N SER C 32 5.26 11.29 -26.52
CA SER C 32 4.40 11.76 -27.60
C SER C 32 2.98 11.17 -27.51
N SER C 33 2.83 10.12 -26.70
CA SER C 33 1.55 9.43 -26.52
C SER C 33 0.59 10.10 -25.53
N VAL C 34 1.13 10.94 -24.64
CA VAL C 34 0.34 11.69 -23.66
C VAL C 34 -0.42 12.82 -24.35
N PRO C 35 -1.77 12.79 -24.30
CA PRO C 35 -2.65 13.67 -25.09
C PRO C 35 -2.86 15.09 -24.53
N VAL C 36 -1.84 15.67 -23.91
CA VAL C 36 -1.84 17.07 -23.52
C VAL C 36 -0.47 17.64 -23.83
N GLN C 37 -0.43 18.66 -24.70
CA GLN C 37 0.81 19.23 -25.21
C GLN C 37 1.55 20.08 -24.17
N PRO C 38 2.91 20.08 -24.21
CA PRO C 38 3.74 20.86 -23.28
C PRO C 38 3.37 22.33 -23.21
N GLU C 39 2.83 22.86 -24.31
CA GLU C 39 2.39 24.25 -24.37
C GLU C 39 1.33 24.56 -23.30
N GLN C 40 0.24 23.78 -23.33
CA GLN C 40 -0.86 23.93 -22.39
C GLN C 40 -0.38 23.75 -20.94
N LEU C 41 0.60 22.88 -20.76
CA LEU C 41 1.12 22.57 -19.44
C LEU C 41 2.07 23.64 -18.88
N ALA C 42 2.93 24.20 -19.74
CA ALA C 42 3.86 25.26 -19.33
C ALA C 42 3.15 26.58 -19.02
N SER C 43 2.04 26.85 -19.71
CA SER C 43 1.24 28.05 -19.47
C SER C 43 0.54 28.01 -18.12
N ALA C 44 0.25 26.80 -17.65
CA ALA C 44 -0.43 26.57 -16.37
C ALA C 44 0.55 26.50 -15.19
N GLY C 45 1.85 26.62 -15.50
CA GLY C 45 2.91 26.69 -14.50
C GLY C 45 3.64 25.39 -14.27
N PHE C 46 3.37 24.41 -15.13
CA PHE C 46 3.93 23.07 -14.96
C PHE C 46 5.22 22.83 -15.75
N TYR C 47 6.14 22.09 -15.12
CA TYR C 47 7.33 21.59 -15.80
C TYR C 47 7.41 20.08 -15.62
N TYR C 48 8.12 19.40 -16.51
CA TYR C 48 8.21 17.94 -16.46
C TYR C 48 9.29 17.55 -15.45
N VAL C 49 9.06 16.49 -14.69
CA VAL C 49 10.07 16.02 -13.74
C VAL C 49 10.82 14.74 -14.18
N GLY C 50 10.52 14.24 -15.36
CA GLY C 50 11.33 13.19 -16.01
C GLY C 50 10.91 11.74 -15.92
N ARG C 51 9.88 11.46 -15.14
CA ARG C 51 9.34 10.14 -14.89
C ARG C 51 7.88 10.13 -15.31
N ASN C 52 7.44 9.02 -15.92
CA ASN C 52 6.06 8.91 -16.41
C ASN C 52 5.63 10.17 -17.13
N ASP C 53 4.54 10.76 -16.65
CA ASP C 53 4.07 12.05 -17.09
C ASP C 53 3.85 12.99 -15.90
N ASP C 54 4.61 12.76 -14.83
CA ASP C 54 4.54 13.60 -13.64
C ASP C 54 4.95 15.00 -13.97
N VAL C 55 4.13 15.97 -13.58
CA VAL C 55 4.48 17.40 -13.65
C VAL C 55 4.26 18.07 -12.30
N LYS C 56 5.03 19.12 -12.04
CA LYS C 56 4.85 19.95 -10.85
C LYS C 56 4.75 21.42 -11.27
N CYS C 57 4.02 22.21 -10.48
CA CYS C 57 3.91 23.65 -10.68
C CYS C 57 5.07 24.33 -9.99
N PHE C 58 5.70 25.28 -10.67
CA PHE C 58 6.89 25.97 -10.13
C PHE C 58 6.60 26.77 -8.85
N CYS C 59 5.33 26.89 -8.50
CA CYS C 59 4.92 27.81 -7.43
C CYS C 59 4.44 27.07 -6.18
N CYS C 60 3.27 26.44 -6.26
CA CYS C 60 2.69 25.69 -5.13
C CYS C 60 3.39 24.34 -4.92
N ASP C 61 4.12 23.89 -5.94
CA ASP C 61 4.79 22.58 -5.96
C ASP C 61 3.78 21.42 -6.00
N GLY C 62 2.55 21.74 -6.37
CA GLY C 62 1.53 20.73 -6.60
C GLY C 62 1.92 19.86 -7.77
N GLY C 63 1.66 18.56 -7.66
CA GLY C 63 2.04 17.60 -8.68
C GLY C 63 0.83 16.89 -9.26
N LEU C 64 0.81 16.77 -10.58
CA LEU C 64 -0.30 16.16 -11.30
C LEU C 64 0.20 15.08 -12.22
N ARG C 65 -0.61 14.06 -12.44
CA ARG C 65 -0.26 12.97 -13.36
C ARG C 65 -1.51 12.31 -13.97
N CYS C 66 -1.29 11.33 -14.86
CA CYS C 66 -2.34 10.56 -15.54
C CYS C 66 -3.22 11.40 -16.45
N TRP C 67 -2.58 12.19 -17.32
CA TRP C 67 -3.26 13.10 -18.25
C TRP C 67 -4.03 12.38 -19.36
N GLU C 68 -5.33 12.24 -19.16
CA GLU C 68 -6.22 11.66 -20.18
C GLU C 68 -6.70 12.76 -21.13
N SER C 69 -7.36 12.38 -22.22
CA SER C 69 -7.76 13.34 -23.24
C SER C 69 -8.87 14.27 -22.79
N GLY C 70 -8.70 15.56 -23.09
CA GLY C 70 -9.67 16.59 -22.73
C GLY C 70 -9.42 17.21 -21.38
N ASP C 71 -8.27 16.92 -20.78
CA ASP C 71 -7.91 17.48 -19.48
C ASP C 71 -7.36 18.89 -19.68
N ASP C 72 -7.77 19.82 -18.82
CA ASP C 72 -7.29 21.19 -18.89
C ASP C 72 -6.37 21.49 -17.70
N PRO C 73 -5.07 21.70 -17.99
CA PRO C 73 -4.05 22.00 -16.99
C PRO C 73 -4.47 23.10 -16.02
N TRP C 74 -5.15 24.13 -16.53
CA TRP C 74 -5.63 25.23 -15.69
C TRP C 74 -6.76 24.79 -14.76
N VAL C 75 -7.73 24.04 -15.29
CA VAL C 75 -8.83 23.47 -14.51
C VAL C 75 -8.32 22.53 -13.41
N GLU C 76 -7.42 21.63 -13.79
CA GLU C 76 -6.86 20.68 -12.83
C GLU C 76 -6.01 21.38 -11.76
N HIS C 77 -5.30 22.43 -12.15
CA HIS C 77 -4.53 23.25 -11.18
C HIS C 77 -5.49 23.81 -10.14
N ALA C 78 -6.60 24.40 -10.60
CA ALA C 78 -7.65 24.92 -9.72
C ALA C 78 -8.33 23.84 -8.86
N LYS C 79 -8.52 22.67 -9.47
CA LYS C 79 -9.12 21.48 -8.84
C LYS C 79 -8.32 20.99 -7.63
N TRP C 80 -7.02 20.79 -7.78
CA TRP C 80 -6.21 20.16 -6.72
C TRP C 80 -5.37 21.13 -5.89
N PHE C 81 -4.98 22.25 -6.48
CA PHE C 81 -4.15 23.24 -5.78
C PHE C 81 -4.73 24.66 -5.90
N PRO C 82 -5.96 24.87 -5.38
CA PRO C 82 -6.70 26.13 -5.54
C PRO C 82 -6.06 27.34 -4.84
N ARG C 83 -5.25 27.09 -3.82
CA ARG C 83 -4.60 28.17 -3.09
C ARG C 83 -3.26 28.61 -3.70
N CYS C 84 -2.94 28.10 -4.89
CA CYS C 84 -1.72 28.49 -5.62
C CYS C 84 -1.75 29.95 -6.06
N GLU C 85 -0.81 30.74 -5.53
CA GLU C 85 -0.67 32.15 -5.87
C GLU C 85 -0.63 32.43 -7.38
N PHE C 86 0.21 31.69 -8.10
CA PHE C 86 0.34 31.79 -9.56
C PHE C 86 -0.99 31.52 -10.28
N LEU C 87 -1.70 30.47 -9.86
CA LEU C 87 -3.02 30.15 -10.39
C LEU C 87 -4.01 31.31 -10.23
N ILE C 88 -3.99 31.92 -9.04
CA ILE C 88 -4.90 33.02 -8.72
C ILE C 88 -4.49 34.29 -9.46
N ARG C 89 -3.20 34.56 -9.57
CA ARG C 89 -2.73 35.74 -10.30
C ARG C 89 -3.09 35.67 -11.78
N MET C 90 -2.83 34.52 -12.40
CA MET C 90 -3.16 34.30 -13.81
C MET C 90 -4.65 34.17 -14.13
N LYS C 91 -5.40 33.45 -13.29
CA LYS C 91 -6.80 33.12 -13.60
C LYS C 91 -7.85 33.78 -12.71
N GLY C 92 -7.41 34.37 -11.59
CA GLY C 92 -8.32 35.10 -10.72
C GLY C 92 -9.15 34.21 -9.81
N GLN C 93 -9.51 34.74 -8.66
CA GLN C 93 -10.19 33.98 -7.62
C GLN C 93 -11.52 33.39 -8.10
N GLU C 94 -12.16 34.08 -9.05
CA GLU C 94 -13.47 33.65 -9.54
C GLU C 94 -13.41 32.31 -10.27
N PHE C 95 -12.41 32.13 -11.12
CA PHE C 95 -12.21 30.88 -11.82
C PHE C 95 -11.98 29.73 -10.83
N VAL C 96 -11.18 29.97 -9.80
CA VAL C 96 -10.87 28.96 -8.79
C VAL C 96 -12.15 28.54 -8.05
N ASP C 97 -12.96 29.53 -7.62
CA ASP C 97 -14.24 29.23 -6.97
C ASP C 97 -15.18 28.40 -7.85
N GLU C 98 -15.20 28.69 -9.15
CA GLU C 98 -16.08 27.98 -10.07
C GLU C 98 -15.72 26.50 -10.13
N ILE C 99 -14.42 26.20 -10.32
CA ILE C 99 -13.97 24.81 -10.40
C ILE C 99 -14.14 24.07 -9.07
N GLN C 100 -13.90 24.76 -7.96
CA GLN C 100 -14.14 24.22 -6.63
C GLN C 100 -15.58 23.77 -6.39
N GLY C 101 -16.54 24.51 -6.94
CA GLY C 101 -17.95 24.18 -6.81
C GLY C 101 -18.37 23.00 -7.66
N ARG C 102 -17.62 22.75 -8.73
CA ARG C 102 -17.83 21.59 -9.58
C ARG C 102 -17.37 20.29 -8.91
N TYR C 103 -16.44 20.41 -7.97
CA TYR C 103 -15.93 19.26 -7.22
C TYR C 103 -15.90 19.59 -5.73
N PRO C 104 -17.03 19.41 -5.03
CA PRO C 104 -17.11 19.70 -3.59
C PRO C 104 -16.65 18.56 -2.68
N HIS C 105 -16.68 17.33 -3.19
CA HIS C 105 -16.28 16.15 -2.43
C HIS C 105 -15.11 15.48 -3.10
N LEU C 106 -13.97 16.15 -3.06
CA LEU C 106 -12.76 15.72 -3.73
C LEU C 106 -11.96 14.79 -2.81
N LEU C 107 -11.62 15.28 -1.62
CA LEU C 107 -10.98 14.49 -0.58
C LEU C 107 -11.82 13.26 -0.20
N GLU C 108 -13.14 13.41 -0.24
CA GLU C 108 -14.06 12.31 0.06
C GLU C 108 -13.96 11.19 -0.97
N GLN C 109 -13.84 11.55 -2.25
CA GLN C 109 -13.69 10.57 -3.33
C GLN C 109 -12.33 9.88 -3.33
N LEU C 110 -11.29 10.56 -2.84
CA LEU C 110 -9.97 9.96 -2.69
C LEU C 110 -9.96 8.80 -1.70
N LEU C 111 -10.58 9.01 -0.54
CA LEU C 111 -10.51 8.06 0.58
C LEU C 111 -11.44 6.85 0.45
N SER C 112 -12.20 6.76 -0.65
CA SER C 112 -13.11 5.65 -0.88
C SER C 112 -12.41 4.46 -1.55
N THR C 113 -11.21 4.70 -2.07
CA THR C 113 -10.43 3.71 -2.80
C THR C 113 -9.87 2.63 -1.89
N SER D 11 11.53 -11.00 -24.07
CA SER D 11 10.49 -10.27 -23.29
C SER D 11 11.11 -9.33 -22.25
N ILE D 12 10.75 -8.05 -22.34
CA ILE D 12 11.21 -7.02 -21.41
C ILE D 12 10.01 -6.19 -20.94
N SER D 13 9.99 -5.85 -19.65
CA SER D 13 8.84 -5.16 -19.05
C SER D 13 8.70 -3.68 -19.44
N ASN D 14 9.81 -2.95 -19.48
CA ASN D 14 9.79 -1.53 -19.85
C ASN D 14 10.87 -1.13 -20.86
N LEU D 15 10.43 -0.89 -22.10
CA LEU D 15 11.32 -0.64 -23.23
C LEU D 15 11.92 0.77 -23.25
N SER D 16 11.14 1.75 -22.79
CA SER D 16 11.57 3.15 -22.79
C SER D 16 12.76 3.38 -21.85
N MET D 17 12.91 2.50 -20.87
CA MET D 17 13.98 2.60 -19.87
C MET D 17 15.17 1.66 -20.15
N GLN D 18 15.35 1.32 -21.43
CA GLN D 18 16.44 0.44 -21.89
C GLN D 18 17.84 1.02 -21.67
N THR D 19 18.02 2.29 -22.03
CA THR D 19 19.31 2.95 -21.96
C THR D 19 19.57 3.52 -20.56
N HIS D 20 20.82 3.42 -20.11
CA HIS D 20 21.27 4.03 -18.86
C HIS D 20 20.93 5.52 -18.84
N ALA D 21 21.13 6.16 -19.99
CA ALA D 21 20.90 7.59 -20.16
C ALA D 21 19.46 7.98 -19.80
N ALA D 22 18.52 7.10 -20.13
CA ALA D 22 17.10 7.31 -19.86
C ALA D 22 16.73 7.04 -18.40
N ARG D 23 17.37 6.03 -17.81
CA ARG D 23 17.10 5.67 -16.40
C ARG D 23 17.54 6.77 -15.44
N MET D 24 18.67 7.41 -15.75
CA MET D 24 19.14 8.59 -15.00
C MET D 24 18.23 9.82 -15.14
N ARG D 25 17.53 9.90 -16.26
CA ARG D 25 16.68 11.06 -16.52
CA ARG D 25 16.65 11.02 -16.62
C ARG D 25 15.41 11.10 -15.69
N THR D 26 15.07 9.97 -15.07
CA THR D 26 13.91 9.88 -14.17
C THR D 26 14.28 10.21 -12.73
N PHE D 27 15.57 10.43 -12.48
CA PHE D 27 16.06 10.73 -11.13
C PHE D 27 16.40 12.22 -10.90
N MET D 28 16.01 13.10 -11.83
CA MET D 28 16.44 14.51 -11.74
C MET D 28 15.85 15.21 -10.52
N TYR D 29 14.67 14.77 -10.08
CA TYR D 29 14.04 15.25 -8.85
C TYR D 29 13.82 14.12 -7.82
N TRP D 30 14.75 13.17 -7.84
CA TRP D 30 14.87 12.14 -6.81
C TRP D 30 15.28 12.81 -5.50
N PRO D 31 14.64 12.42 -4.38
CA PRO D 31 14.92 13.07 -3.09
C PRO D 31 16.39 12.97 -2.70
N SER D 32 16.98 14.10 -2.32
CA SER D 32 18.40 14.18 -1.97
C SER D 32 18.71 13.45 -0.67
N SER D 33 17.69 13.31 0.18
CA SER D 33 17.84 12.70 1.49
C SER D 33 17.95 11.16 1.48
N VAL D 34 17.81 10.55 0.29
CA VAL D 34 17.93 9.09 0.16
C VAL D 34 19.40 8.68 -0.04
N PRO D 35 19.94 7.86 0.88
CA PRO D 35 21.37 7.52 0.95
C PRO D 35 21.95 6.77 -0.26
N VAL D 36 21.11 6.16 -1.08
CA VAL D 36 21.57 5.53 -2.32
C VAL D 36 21.35 6.47 -3.50
N GLN D 37 22.43 6.72 -4.26
CA GLN D 37 22.43 7.67 -5.38
C GLN D 37 21.97 7.04 -6.70
N PRO D 38 21.29 7.84 -7.56
CA PRO D 38 20.74 7.36 -8.86
C PRO D 38 21.74 6.68 -9.78
N GLU D 39 23.01 7.01 -9.62
CA GLU D 39 24.08 6.43 -10.41
CA GLU D 39 24.07 6.43 -10.42
C GLU D 39 24.22 4.94 -10.13
N GLN D 40 24.20 4.57 -8.85
CA GLN D 40 24.24 3.17 -8.45
C GLN D 40 22.96 2.47 -8.93
N LEU D 41 21.84 3.16 -8.73
CA LEU D 41 20.52 2.64 -9.09
C LEU D 41 20.32 2.37 -10.58
N ALA D 42 20.65 3.33 -11.43
CA ALA D 42 20.52 3.16 -12.88
C ALA D 42 21.44 2.07 -13.44
N SER D 43 22.63 1.94 -12.86
CA SER D 43 23.56 0.86 -13.21
C SER D 43 22.93 -0.53 -13.03
N ALA D 44 22.09 -0.67 -12.01
CA ALA D 44 21.50 -1.95 -11.64
C ALA D 44 20.21 -2.22 -12.42
N GLY D 45 19.89 -1.31 -13.33
CA GLY D 45 18.70 -1.43 -14.16
C GLY D 45 17.49 -0.75 -13.56
N PHE D 46 17.71 0.03 -12.50
CA PHE D 46 16.62 0.71 -11.78
C PHE D 46 16.36 2.13 -12.25
N TYR D 47 15.08 2.47 -12.37
CA TYR D 47 14.64 3.84 -12.64
C TYR D 47 13.60 4.29 -11.62
N TYR D 48 13.54 5.60 -11.38
CA TYR D 48 12.60 6.17 -10.42
C TYR D 48 11.18 6.14 -11.00
N VAL D 49 10.17 5.90 -10.16
CA VAL D 49 8.81 5.74 -10.67
C VAL D 49 7.77 6.79 -10.24
N GLY D 50 8.22 7.86 -9.59
CA GLY D 50 7.36 8.97 -9.24
C GLY D 50 6.66 9.03 -7.88
N ARG D 51 6.76 7.99 -7.06
CA ARG D 51 6.23 8.11 -5.71
C ARG D 51 7.26 7.67 -4.68
N ASN D 52 7.51 8.51 -3.69
CA ASN D 52 8.43 8.11 -2.64
C ASN D 52 9.84 7.91 -3.12
N ASP D 53 10.38 6.73 -2.84
CA ASP D 53 11.67 6.31 -3.35
C ASP D 53 11.56 4.98 -4.03
N ASP D 54 10.38 4.69 -4.55
CA ASP D 54 10.13 3.46 -5.26
C ASP D 54 10.92 3.40 -6.53
N VAL D 55 11.59 2.29 -6.76
CA VAL D 55 12.30 2.07 -8.01
C VAL D 55 11.91 0.72 -8.58
N LYS D 56 12.04 0.56 -9.89
CA LYS D 56 11.78 -0.71 -10.57
C LYS D 56 12.90 -1.01 -11.55
N CYS D 57 13.13 -2.30 -11.81
CA CYS D 57 14.00 -2.73 -12.91
C CYS D 57 13.21 -2.81 -14.20
N PHE D 58 13.82 -2.35 -15.29
CA PHE D 58 13.16 -2.34 -16.61
C PHE D 58 12.91 -3.73 -17.18
N CYS D 59 13.61 -4.72 -16.63
CA CYS D 59 13.57 -6.07 -17.19
C CYS D 59 12.63 -7.00 -16.44
N CYS D 60 12.89 -7.19 -15.15
CA CYS D 60 12.09 -8.11 -14.34
C CYS D 60 10.85 -7.47 -13.71
N ASP D 61 10.71 -6.15 -13.87
CA ASP D 61 9.59 -5.38 -13.28
C ASP D 61 9.59 -5.46 -11.74
N GLY D 62 10.80 -5.56 -11.18
CA GLY D 62 10.97 -5.73 -9.75
C GLY D 62 11.00 -4.43 -8.99
N GLY D 63 10.07 -4.29 -8.06
CA GLY D 63 9.95 -3.07 -7.27
C GLY D 63 10.75 -3.10 -5.98
N LEU D 64 11.44 -2.01 -5.72
CA LEU D 64 12.29 -1.90 -4.55
C LEU D 64 12.07 -0.56 -3.86
N ARG D 65 11.95 -0.60 -2.54
CA ARG D 65 11.78 0.63 -1.76
C ARG D 65 12.47 0.57 -0.39
N CYS D 66 12.43 1.70 0.31
CA CYS D 66 13.01 1.88 1.65
C CYS D 66 14.53 1.69 1.64
N TRP D 67 15.21 2.60 0.94
CA TRP D 67 16.67 2.53 0.80
C TRP D 67 17.40 3.16 1.99
N GLU D 68 18.12 2.33 2.72
CA GLU D 68 18.92 2.78 3.85
C GLU D 68 20.40 2.82 3.48
N SER D 69 21.22 3.39 4.36
CA SER D 69 22.66 3.51 4.09
C SER D 69 23.32 2.13 3.95
N GLY D 70 24.20 2.03 2.96
CA GLY D 70 24.95 0.79 2.70
C GLY D 70 24.22 -0.24 1.86
N ASP D 71 23.07 0.13 1.31
CA ASP D 71 22.31 -0.75 0.41
C ASP D 71 22.95 -0.79 -0.96
N ASP D 72 23.37 -1.97 -1.38
CA ASP D 72 23.88 -2.18 -2.74
C ASP D 72 22.71 -2.61 -3.62
N PRO D 73 22.34 -1.77 -4.62
CA PRO D 73 21.23 -2.07 -5.51
C PRO D 73 21.43 -3.37 -6.29
N TRP D 74 22.69 -3.72 -6.56
CA TRP D 74 22.98 -4.98 -7.25
C TRP D 74 22.72 -6.19 -6.35
N VAL D 75 23.16 -6.10 -5.10
CA VAL D 75 22.93 -7.16 -4.10
C VAL D 75 21.44 -7.34 -3.87
N GLU D 76 20.74 -6.23 -3.73
CA GLU D 76 19.31 -6.22 -3.45
C GLU D 76 18.47 -6.70 -4.63
N HIS D 77 18.92 -6.38 -5.84
CA HIS D 77 18.30 -6.87 -7.07
C HIS D 77 18.43 -8.38 -7.11
N ALA D 78 19.65 -8.87 -6.82
CA ALA D 78 19.94 -10.29 -6.69
C ALA D 78 19.17 -10.98 -5.56
N LYS D 79 19.02 -10.26 -4.45
CA LYS D 79 18.25 -10.71 -3.30
C LYS D 79 16.79 -11.03 -3.69
N TRP D 80 16.10 -10.07 -4.27
CA TRP D 80 14.64 -10.17 -4.44
C TRP D 80 14.17 -10.64 -5.81
N PHE D 81 14.99 -10.47 -6.84
CA PHE D 81 14.58 -10.86 -8.18
C PHE D 81 15.64 -11.69 -8.92
N PRO D 82 16.02 -12.85 -8.34
CA PRO D 82 17.18 -13.66 -8.76
C PRO D 82 17.16 -14.12 -10.22
N ARG D 83 15.98 -14.32 -10.79
CA ARG D 83 15.87 -14.85 -12.15
C ARG D 83 15.81 -13.78 -13.25
N CYS D 84 16.04 -12.52 -12.88
CA CYS D 84 16.12 -11.43 -13.87
C CYS D 84 17.28 -11.69 -14.82
N GLU D 85 17.00 -11.61 -16.11
CA GLU D 85 17.99 -11.91 -17.15
C GLU D 85 19.11 -10.88 -17.20
N PHE D 86 18.73 -9.61 -17.13
CA PHE D 86 19.66 -8.47 -17.05
C PHE D 86 20.61 -8.60 -15.87
N LEU D 87 20.07 -8.98 -14.70
CA LEU D 87 20.89 -9.21 -13.51
C LEU D 87 21.94 -10.29 -13.77
N ILE D 88 21.50 -11.42 -14.31
CA ILE D 88 22.39 -12.54 -14.63
C ILE D 88 23.42 -12.17 -15.70
N ARG D 89 22.99 -11.41 -16.72
CA ARG D 89 23.90 -11.07 -17.80
C ARG D 89 24.99 -10.07 -17.39
N MET D 90 24.62 -9.10 -16.57
CA MET D 90 25.57 -8.10 -16.08
C MET D 90 26.48 -8.62 -14.97
N LYS D 91 25.94 -9.44 -14.06
CA LYS D 91 26.68 -9.88 -12.87
C LYS D 91 27.01 -11.36 -12.83
N GLY D 92 26.28 -12.16 -13.62
CA GLY D 92 26.56 -13.60 -13.69
C GLY D 92 25.82 -14.41 -12.64
N GLN D 93 25.75 -15.72 -12.86
CA GLN D 93 25.01 -16.64 -12.00
C GLN D 93 25.69 -16.85 -10.65
N GLU D 94 27.01 -16.82 -10.63
CA GLU D 94 27.77 -17.01 -9.40
C GLU D 94 27.44 -15.94 -8.38
N PHE D 95 27.30 -14.70 -8.84
CA PHE D 95 26.92 -13.60 -7.97
C PHE D 95 25.53 -13.82 -7.41
N VAL D 96 24.57 -14.11 -8.30
CA VAL D 96 23.18 -14.34 -7.89
C VAL D 96 23.11 -15.48 -6.89
N ASP D 97 23.88 -16.54 -7.14
CA ASP D 97 23.98 -17.68 -6.21
C ASP D 97 24.52 -17.32 -4.82
N GLU D 98 25.65 -16.61 -4.76
CA GLU D 98 26.23 -16.19 -3.48
C GLU D 98 25.25 -15.36 -2.65
N ILE D 99 24.55 -14.42 -3.30
CA ILE D 99 23.59 -13.56 -2.64
C ILE D 99 22.39 -14.35 -2.10
N GLN D 100 21.81 -15.21 -2.93
CA GLN D 100 20.71 -16.09 -2.52
C GLN D 100 21.08 -17.00 -1.35
N GLY D 101 22.35 -17.41 -1.30
CA GLY D 101 22.88 -18.23 -0.21
C GLY D 101 22.93 -17.50 1.12
N ARG D 102 23.11 -16.18 1.05
CA ARG D 102 23.08 -15.32 2.25
C ARG D 102 21.67 -15.27 2.86
N TYR D 103 20.66 -15.18 2.00
CA TYR D 103 19.29 -15.02 2.46
C TYR D 103 18.43 -16.22 2.02
N PRO D 104 18.48 -17.33 2.79
CA PRO D 104 17.72 -18.54 2.43
C PRO D 104 16.23 -18.51 2.79
N HIS D 105 15.82 -17.67 3.74
CA HIS D 105 14.42 -17.64 4.18
C HIS D 105 13.78 -16.26 4.02
N LEU D 106 13.70 -15.78 2.78
CA LEU D 106 13.18 -14.44 2.51
C LEU D 106 11.67 -14.30 2.70
N LEU D 107 10.89 -15.15 2.02
CA LEU D 107 9.43 -15.10 2.20
C LEU D 107 9.01 -15.57 3.61
N GLU D 108 9.76 -16.48 4.21
CA GLU D 108 9.45 -16.91 5.58
C GLU D 108 9.46 -15.69 6.51
N GLN D 109 10.50 -14.86 6.33
CA GLN D 109 10.66 -13.62 7.07
C GLN D 109 9.61 -12.57 6.71
N LEU D 110 9.17 -12.57 5.45
CA LEU D 110 8.02 -11.75 5.07
C LEU D 110 6.78 -12.20 5.82
N LEU D 111 6.52 -13.52 5.81
CA LEU D 111 5.25 -14.08 6.28
C LEU D 111 5.16 -14.21 7.82
N SER D 112 6.10 -13.59 8.53
CA SER D 112 6.16 -13.69 9.99
C SER D 112 5.50 -12.51 10.70
N THR D 113 5.78 -12.41 12.00
CA THR D 113 5.37 -11.30 12.89
C THR D 113 4.18 -10.45 12.41
#